data_2D2G
#
_entry.id   2D2G
#
_cell.length_a   108.956
_cell.length_b   108.956
_cell.length_c   62.672
_cell.angle_alpha   90.00
_cell.angle_beta   90.00
_cell.angle_gamma   120.00
#
_symmetry.space_group_name_H-M   'P 31 2 1'
#
loop_
_entity.id
_entity.type
_entity.pdbx_description
1 polymer phosphotriesterase
2 non-polymer 'COBALT (II) ION'
3 non-polymer 'O,O-DIMETHYL HYDROGEN THIOPHOSPHATE'
4 water water
#
_entity_poly.entity_id   1
_entity_poly.type   'polypeptide(L)'
_entity_poly.pdbx_seq_one_letter_code
;TGDLINTVRGPIPVSEAGFTLTHEHICGSSAGFLRAWPEFFGSRKALAEKAVRGLRHARAAGVQTIVDVSTFDIGRDVRL
LAEVSRAADVHIVAATGLWFDPPLSMRMRSVEELTQFFLREIQHGIEDTGIRAGII(KCX)VATTGKATPFQELVLKAAA
RASLATGVPVTTHTSASQRDGEQQAAIFESEGLSPSRVCIGHSDDTDDLSYLTGLAARGYLVGLDRMPYSAIGLEGNASA
LALFGTRSWQTRALLIKALIDRGYKDRILVSHDWLFGFSSYVTNIMDVMDRINPDGMAFVPLRVIPFLREKGVPPETLAG
VTVANPARFLSPT
;
_entity_poly.pdbx_strand_id   A
#
loop_
_chem_comp.id
_chem_comp.type
_chem_comp.name
_chem_comp.formula
CO non-polymer 'COBALT (II) ION' 'Co 2'
DZZ non-polymer 'O,O-DIMETHYL HYDROGEN THIOPHOSPHATE' 'C2 H7 O3 P S'
#
# COMPACT_ATOMS: atom_id res chain seq x y z
N THR A 1 -22.78 -9.24 1.31
CA THR A 1 -22.52 -10.63 0.86
C THR A 1 -22.47 -10.66 -0.67
N GLY A 2 -21.80 -11.67 -1.23
CA GLY A 2 -21.75 -11.84 -2.69
C GLY A 2 -20.51 -11.30 -3.39
N ASP A 3 -20.15 -10.05 -3.09
CA ASP A 3 -18.93 -9.42 -3.63
C ASP A 3 -17.68 -10.22 -3.24
N LEU A 4 -16.75 -10.38 -4.17
CA LEU A 4 -15.52 -11.15 -3.92
C LEU A 4 -14.25 -10.35 -4.22
N ILE A 5 -13.20 -10.63 -3.46
CA ILE A 5 -11.88 -10.08 -3.76
C ILE A 5 -10.84 -11.20 -3.89
N ASN A 6 -9.92 -11.06 -4.82
CA ASN A 6 -8.87 -12.04 -4.99
C ASN A 6 -7.75 -11.82 -3.99
N THR A 7 -7.34 -12.91 -3.34
CA THR A 7 -6.19 -12.94 -2.44
C THR A 7 -5.19 -13.97 -2.98
N VAL A 8 -4.00 -14.02 -2.38
CA VAL A 8 -2.98 -15.00 -2.77
C VAL A 8 -3.37 -16.45 -2.45
N ARG A 9 -4.40 -16.63 -1.61
CA ARG A 9 -4.94 -17.97 -1.35
C ARG A 9 -6.22 -18.26 -2.15
N GLY A 10 -6.60 -17.32 -3.00
CA GLY A 10 -7.82 -17.44 -3.80
C GLY A 10 -8.89 -16.43 -3.42
N PRO A 11 -10.13 -16.65 -3.92
CA PRO A 11 -11.23 -15.73 -3.71
C PRO A 11 -11.74 -15.71 -2.26
N ILE A 12 -12.07 -14.52 -1.76
CA ILE A 12 -12.75 -14.41 -0.44
C ILE A 12 -13.93 -13.45 -0.56
N PRO A 13 -14.97 -13.66 0.27
CA PRO A 13 -16.04 -12.66 0.31
C PRO A 13 -15.45 -11.35 0.85
N VAL A 14 -15.84 -10.24 0.23
CA VAL A 14 -15.48 -8.88 0.68
C VAL A 14 -15.75 -8.69 2.18
N SER A 15 -16.88 -9.23 2.64
CA SER A 15 -17.26 -9.11 4.05
C SER A 15 -16.35 -9.85 5.03
N GLU A 16 -15.49 -10.74 4.52
CA GLU A 16 -14.51 -11.41 5.36
C GLU A 16 -13.15 -10.71 5.40
N ALA A 17 -12.97 -9.64 4.62
CA ALA A 17 -11.71 -8.86 4.68
C ALA A 17 -11.49 -8.27 6.07
N GLY A 18 -12.57 -7.79 6.72
CA GLY A 18 -12.46 -7.25 8.05
C GLY A 18 -11.48 -6.07 8.13
N PHE A 19 -10.83 -5.93 9.28
CA PHE A 19 -9.84 -4.88 9.49
C PHE A 19 -8.67 -5.07 8.52
N THR A 20 -8.51 -4.12 7.62
CA THR A 20 -7.61 -4.27 6.48
C THR A 20 -6.60 -3.14 6.40
N LEU A 21 -5.33 -3.51 6.30
CA LEU A 21 -4.24 -2.54 6.11
C LEU A 21 -3.98 -2.48 4.60
N THR A 22 -4.20 -1.30 4.02
CA THR A 22 -4.29 -1.18 2.55
C THR A 22 -2.98 -0.87 1.81
N HIS A 23 -1.88 -0.64 2.54
CA HIS A 23 -0.57 -0.41 1.91
C HIS A 23 0.52 -0.99 2.80
N GLU A 24 0.96 -2.21 2.46
CA GLU A 24 1.96 -2.95 3.23
C GLU A 24 2.84 -3.73 2.27
N HIS A 25 3.92 -4.30 2.79
CA HIS A 25 4.83 -5.17 2.01
C HIS A 25 5.28 -6.35 2.85
N ILE A 26 5.28 -7.55 2.30
CA ILE A 26 6.04 -8.63 2.96
C ILE A 26 7.54 -8.31 2.82
N CYS A 27 7.95 -7.97 1.60
CA CYS A 27 9.36 -7.65 1.31
C CYS A 27 9.48 -6.58 0.22
N GLY A 28 10.21 -5.50 0.51
CA GLY A 28 10.50 -4.44 -0.48
C GLY A 28 11.85 -4.74 -1.15
N SER A 29 11.78 -5.19 -2.40
CA SER A 29 12.98 -5.70 -3.05
C SER A 29 12.99 -5.27 -4.51
N SER A 30 13.48 -6.15 -5.38
CA SER A 30 13.55 -5.84 -6.80
C SER A 30 13.24 -7.10 -7.58
N ALA A 31 12.74 -6.95 -8.82
CA ALA A 31 12.42 -8.12 -9.64
C ALA A 31 13.60 -9.11 -9.68
N GLY A 32 13.32 -10.38 -9.40
CA GLY A 32 14.34 -11.45 -9.48
C GLY A 32 15.32 -11.55 -8.32
N PHE A 33 15.33 -10.56 -7.44
CA PHE A 33 16.38 -10.42 -6.42
C PHE A 33 16.30 -11.51 -5.34
N LEU A 34 15.08 -11.82 -4.90
CA LEU A 34 14.90 -12.85 -3.87
C LEU A 34 15.35 -14.22 -4.38
N ARG A 35 15.07 -14.50 -5.66
CA ARG A 35 15.52 -15.75 -6.32
C ARG A 35 17.06 -15.79 -6.48
N ALA A 36 17.66 -14.66 -6.81
CA ALA A 36 19.09 -14.60 -7.14
C ALA A 36 20.00 -14.49 -5.93
N TRP A 37 19.51 -13.84 -4.87
CA TRP A 37 20.34 -13.54 -3.71
C TRP A 37 19.56 -13.63 -2.38
N PRO A 38 18.97 -14.80 -2.09
CA PRO A 38 18.15 -14.90 -0.87
C PRO A 38 18.98 -14.71 0.40
N GLU A 39 20.29 -14.98 0.33
CA GLU A 39 21.19 -14.79 1.48
C GLU A 39 21.25 -13.35 1.93
N PHE A 40 20.89 -12.41 1.04
CA PHE A 40 20.79 -11.01 1.45
C PHE A 40 19.91 -10.87 2.70
N PHE A 41 18.85 -11.68 2.77
CA PHE A 41 17.88 -11.65 3.86
C PHE A 41 18.17 -12.71 4.93
N GLY A 42 19.42 -13.15 4.99
CA GLY A 42 19.77 -14.34 5.80
C GLY A 42 19.48 -15.60 4.97
N SER A 43 18.18 -15.86 4.75
CA SER A 43 17.69 -16.90 3.83
C SER A 43 16.23 -16.63 3.53
N ARG A 44 15.69 -17.27 2.51
CA ARG A 44 14.26 -17.19 2.22
C ARG A 44 13.48 -17.68 3.44
N LYS A 45 13.92 -18.81 4.02
CA LYS A 45 13.28 -19.40 5.21
C LYS A 45 13.22 -18.39 6.37
N ALA A 46 14.33 -17.70 6.62
CA ALA A 46 14.40 -16.68 7.68
C ALA A 46 13.43 -15.53 7.42
N LEU A 47 13.41 -15.06 6.16
CA LEU A 47 12.49 -14.00 5.75
C LEU A 47 11.02 -14.42 5.95
N ALA A 48 10.66 -15.60 5.47
CA ALA A 48 9.32 -16.13 5.66
C ALA A 48 8.94 -16.24 7.15
N GLU A 49 9.86 -16.78 7.96
CA GLU A 49 9.62 -16.94 9.41
C GLU A 49 9.35 -15.59 10.07
N LYS A 50 10.19 -14.59 9.77
CA LYS A 50 10.02 -13.22 10.27
C LYS A 50 8.66 -12.63 9.89
N ALA A 51 8.28 -12.81 8.62
CA ALA A 51 6.99 -12.36 8.09
C ALA A 51 5.82 -13.06 8.80
N VAL A 52 5.93 -14.37 9.00
CA VAL A 52 4.85 -15.09 9.69
C VAL A 52 4.67 -14.59 11.15
N ARG A 53 5.78 -14.40 11.86
CA ARG A 53 5.73 -13.85 13.24
C ARG A 53 5.07 -12.48 13.21
N GLY A 54 5.50 -11.62 12.28
CA GLY A 54 4.94 -10.27 12.15
C GLY A 54 3.45 -10.24 11.85
N LEU A 55 3.01 -11.06 10.89
CA LEU A 55 1.60 -11.15 10.52
C LEU A 55 0.74 -11.75 11.63
N ARG A 56 1.29 -12.72 12.36
CA ARG A 56 0.55 -13.27 13.52
C ARG A 56 0.36 -12.23 14.63
N HIS A 57 1.37 -11.40 14.82
CA HIS A 57 1.29 -10.29 15.79
C HIS A 57 0.21 -9.29 15.36
N ALA A 58 0.20 -8.94 14.07
CA ALA A 58 -0.87 -8.08 13.52
C ALA A 58 -2.26 -8.71 13.69
N ARG A 59 -2.35 -10.02 13.44
CA ARG A 59 -3.61 -10.76 13.57
C ARG A 59 -4.12 -10.75 15.00
N ALA A 60 -3.21 -10.99 15.95
CA ALA A 60 -3.56 -10.93 17.38
C ALA A 60 -4.10 -9.55 17.76
N ALA A 61 -3.57 -8.49 17.14
CA ALA A 61 -4.04 -7.12 17.34
C ALA A 61 -5.35 -6.78 16.58
N GLY A 62 -5.87 -7.73 15.80
CA GLY A 62 -7.15 -7.57 15.12
C GLY A 62 -7.10 -7.35 13.60
N VAL A 63 -5.90 -7.36 13.04
CA VAL A 63 -5.74 -7.20 11.57
C VAL A 63 -6.15 -8.51 10.87
N GLN A 64 -7.06 -8.44 9.91
CA GLN A 64 -7.50 -9.67 9.24
C GLN A 64 -6.95 -9.81 7.81
N THR A 65 -6.60 -8.67 7.20
CA THR A 65 -6.17 -8.62 5.79
C THR A 65 -5.11 -7.52 5.62
N ILE A 66 -4.07 -7.81 4.83
CA ILE A 66 -3.20 -6.74 4.34
C ILE A 66 -3.24 -6.71 2.82
N VAL A 67 -3.02 -5.52 2.26
CA VAL A 67 -2.84 -5.38 0.82
C VAL A 67 -1.33 -5.18 0.61
N ASP A 68 -0.69 -6.18 0.01
CA ASP A 68 0.73 -6.09 -0.29
C ASP A 68 0.81 -5.38 -1.62
N VAL A 69 1.21 -4.11 -1.60
CA VAL A 69 1.27 -3.33 -2.83
C VAL A 69 2.62 -3.42 -3.56
N SER A 70 3.36 -4.51 -3.33
CA SER A 70 4.61 -4.75 -4.06
C SER A 70 4.23 -5.11 -5.50
N THR A 71 4.77 -4.33 -6.43
CA THR A 71 4.64 -4.61 -7.86
C THR A 71 5.74 -5.55 -8.33
N PHE A 72 5.67 -5.92 -9.60
CA PHE A 72 6.80 -6.57 -10.27
C PHE A 72 8.18 -5.98 -9.88
N ASP A 73 8.33 -4.65 -9.96
CA ASP A 73 9.63 -4.02 -9.75
C ASP A 73 10.00 -3.75 -8.29
N ILE A 74 9.06 -4.03 -7.37
CA ILE A 74 9.35 -4.13 -5.92
C ILE A 74 9.76 -5.58 -5.59
N GLY A 75 9.88 -6.40 -6.63
CA GLY A 75 10.28 -7.80 -6.47
C GLY A 75 9.25 -8.69 -5.76
N ARG A 76 7.97 -8.30 -5.86
CA ARG A 76 6.83 -9.12 -5.44
C ARG A 76 7.09 -10.59 -5.74
N ASP A 77 6.98 -11.45 -4.72
CA ASP A 77 7.15 -12.89 -4.88
C ASP A 77 5.84 -13.49 -4.40
N VAL A 78 4.94 -13.77 -5.34
CA VAL A 78 3.59 -14.20 -4.94
C VAL A 78 3.57 -15.57 -4.20
N ARG A 79 4.51 -16.45 -4.52
CA ARG A 79 4.61 -17.72 -3.77
C ARG A 79 4.96 -17.47 -2.31
N LEU A 80 5.86 -16.51 -2.07
CA LEU A 80 6.22 -16.13 -0.71
C LEU A 80 4.98 -15.60 0.02
N LEU A 81 4.24 -14.72 -0.64
CA LEU A 81 3.02 -14.14 -0.05
C LEU A 81 2.03 -15.25 0.32
N ALA A 82 1.83 -16.19 -0.60
CA ALA A 82 0.89 -17.29 -0.36
C ALA A 82 1.31 -18.13 0.83
N GLU A 83 2.61 -18.43 0.92
CA GLU A 83 3.15 -19.23 2.01
C GLU A 83 2.93 -18.56 3.37
N VAL A 84 3.25 -17.27 3.45
CA VAL A 84 3.18 -16.57 4.73
C VAL A 84 1.72 -16.29 5.10
N SER A 85 0.86 -16.05 4.09
CA SER A 85 -0.58 -15.84 4.32
C SER A 85 -1.19 -17.08 4.97
N ARG A 86 -0.83 -18.24 4.41
CA ARG A 86 -1.31 -19.52 4.89
C ARG A 86 -0.85 -19.79 6.32
N ALA A 87 0.45 -19.60 6.57
CA ALA A 87 1.01 -19.86 7.89
C ALA A 87 0.50 -18.94 8.99
N ALA A 88 0.24 -17.67 8.66
CA ALA A 88 -0.16 -16.69 9.68
C ALA A 88 -1.66 -16.51 9.78
N ASP A 89 -2.40 -17.14 8.87
CA ASP A 89 -3.85 -16.95 8.72
C ASP A 89 -4.27 -15.48 8.65
N VAL A 90 -3.66 -14.76 7.72
CA VAL A 90 -4.00 -13.36 7.45
C VAL A 90 -4.12 -13.31 5.94
N HIS A 91 -5.22 -12.76 5.44
CA HIS A 91 -5.44 -12.61 3.99
C HIS A 91 -4.42 -11.63 3.41
N ILE A 92 -3.90 -11.94 2.23
CA ILE A 92 -3.02 -11.00 1.52
C ILE A 92 -3.53 -10.79 0.10
N VAL A 93 -3.82 -9.54 -0.24
CA VAL A 93 -4.19 -9.15 -1.60
C VAL A 93 -2.90 -8.73 -2.32
N ALA A 94 -2.64 -9.33 -3.48
CA ALA A 94 -1.45 -8.99 -4.25
C ALA A 94 -1.74 -7.87 -5.24
N ALA A 95 -0.67 -7.25 -5.75
CA ALA A 95 -0.78 -6.09 -6.64
C ALA A 95 -0.18 -6.38 -8.01
N THR A 96 -0.70 -5.67 -9.01
CA THR A 96 -0.02 -5.46 -10.29
C THR A 96 0.38 -3.97 -10.38
N GLY A 97 0.77 -3.50 -11.57
CA GLY A 97 1.21 -2.10 -11.77
C GLY A 97 2.72 -2.00 -11.82
N LEU A 98 3.25 -0.78 -11.78
CA LEU A 98 4.69 -0.55 -11.68
C LEU A 98 4.97 0.62 -10.75
N TRP A 99 6.01 0.44 -9.94
CA TRP A 99 6.51 1.42 -8.98
C TRP A 99 7.56 2.25 -9.74
N PHE A 100 8.51 2.85 -9.03
CA PHE A 100 9.45 3.76 -9.70
C PHE A 100 10.85 3.17 -10.01
N ASP A 101 10.92 1.83 -10.06
CA ASP A 101 12.16 1.16 -10.46
C ASP A 101 11.95 0.17 -11.63
N PRO A 102 11.15 0.57 -12.65
CA PRO A 102 10.92 -0.40 -13.74
C PRO A 102 12.18 -0.64 -14.56
N PRO A 103 12.43 -1.90 -14.95
CA PRO A 103 13.61 -2.19 -15.76
C PRO A 103 13.35 -1.76 -17.20
N LEU A 104 14.38 -1.81 -18.05
CA LEU A 104 14.21 -1.41 -19.45
C LEU A 104 13.08 -2.17 -20.17
N SER A 105 12.96 -3.46 -19.91
CA SER A 105 11.92 -4.27 -20.56
C SER A 105 10.49 -3.76 -20.30
N MET A 106 10.29 -3.04 -19.18
CA MET A 106 9.03 -2.30 -18.94
C MET A 106 9.06 -0.86 -19.48
N ARG A 107 10.17 -0.15 -19.26
CA ARG A 107 10.26 1.27 -19.67
C ARG A 107 10.08 1.49 -21.18
N MET A 108 10.36 0.49 -21.98
CA MET A 108 10.24 0.59 -23.44
C MET A 108 8.82 0.32 -23.94
N ARG A 109 7.90 0.00 -23.03
CA ARG A 109 6.56 -0.41 -23.45
C ARG A 109 5.59 0.73 -23.65
N SER A 110 4.61 0.48 -24.51
CA SER A 110 3.54 1.46 -24.78
C SER A 110 2.42 1.33 -23.77
N VAL A 111 1.52 2.31 -23.75
CA VAL A 111 0.35 2.23 -22.87
C VAL A 111 -0.47 0.97 -23.16
N GLU A 112 -0.65 0.63 -24.44
CA GLU A 112 -1.35 -0.58 -24.82
C GLU A 112 -0.68 -1.84 -24.24
N GLU A 113 0.63 -1.92 -24.38
CA GLU A 113 1.40 -3.06 -23.88
C GLU A 113 1.35 -3.18 -22.35
N LEU A 114 1.51 -2.06 -21.66
CA LEU A 114 1.39 -2.02 -20.20
C LEU A 114 0.00 -2.44 -19.72
N THR A 115 -1.04 -1.99 -20.43
CA THR A 115 -2.42 -2.40 -20.12
C THR A 115 -2.55 -3.93 -20.19
N GLN A 116 -1.96 -4.51 -21.23
CA GLN A 116 -2.02 -5.95 -21.39
C GLN A 116 -1.30 -6.70 -20.26
N PHE A 117 -0.15 -6.18 -19.85
CA PHE A 117 0.55 -6.74 -18.71
C PHE A 117 -0.29 -6.65 -17.41
N PHE A 118 -0.83 -5.48 -17.10
CA PHE A 118 -1.64 -5.33 -15.87
C PHE A 118 -2.86 -6.26 -15.92
N LEU A 119 -3.54 -6.30 -17.08
CA LEU A 119 -4.68 -7.22 -17.29
C LEU A 119 -4.31 -8.71 -17.11
N ARG A 120 -3.15 -9.12 -17.61
CA ARG A 120 -2.62 -10.48 -17.40
C ARG A 120 -2.58 -10.82 -15.90
N GLU A 121 -1.98 -9.94 -15.09
CA GLU A 121 -1.82 -10.20 -13.66
C GLU A 121 -3.15 -10.19 -12.87
N ILE A 122 -4.11 -9.40 -13.33
CA ILE A 122 -5.46 -9.35 -12.73
C ILE A 122 -6.36 -10.52 -13.18
N GLN A 123 -6.34 -10.79 -14.48
CA GLN A 123 -7.35 -11.67 -15.10
C GLN A 123 -6.87 -13.10 -15.29
N HIS A 124 -5.60 -13.26 -15.61
CA HIS A 124 -4.99 -14.59 -15.89
C HIS A 124 -4.32 -15.13 -14.64
N GLY A 125 -3.47 -14.30 -14.03
CA GLY A 125 -2.66 -14.74 -12.90
C GLY A 125 -1.26 -14.18 -13.01
N ILE A 126 -0.59 -14.11 -11.87
CA ILE A 126 0.80 -13.64 -11.78
C ILE A 126 1.77 -14.80 -12.10
N GLU A 127 2.70 -14.54 -13.02
CA GLU A 127 3.69 -15.54 -13.43
C GLU A 127 2.92 -16.79 -13.88
N ASP A 128 3.29 -17.95 -13.36
CA ASP A 128 2.61 -19.20 -13.72
C ASP A 128 1.76 -19.74 -12.56
N THR A 129 1.40 -18.89 -11.62
CA THR A 129 0.78 -19.34 -10.36
C THR A 129 -0.76 -19.35 -10.35
N GLY A 130 -1.39 -18.65 -11.28
CA GLY A 130 -2.84 -18.43 -11.21
C GLY A 130 -3.33 -17.49 -10.12
N ILE A 131 -2.40 -16.93 -9.33
CA ILE A 131 -2.78 -15.96 -8.29
C ILE A 131 -3.06 -14.62 -8.94
N ARG A 132 -4.25 -14.08 -8.71
CA ARG A 132 -4.68 -12.87 -9.37
C ARG A 132 -4.51 -11.65 -8.49
N ALA A 133 -3.97 -10.58 -9.08
CA ALA A 133 -3.87 -9.29 -8.41
C ALA A 133 -5.24 -8.68 -8.10
N GLY A 134 -5.37 -8.08 -6.91
CA GLY A 134 -6.62 -7.39 -6.53
C GLY A 134 -6.51 -5.86 -6.45
N ILE A 135 -5.37 -5.34 -6.88
CA ILE A 135 -5.11 -3.88 -6.85
C ILE A 135 -4.01 -3.55 -7.86
N ILE A 136 -3.98 -2.29 -8.34
CA ILE A 136 -2.94 -1.82 -9.26
C ILE A 136 -2.18 -0.68 -8.57
N KCX A 137 -0.88 -0.90 -8.39
CA KCX A 137 0.01 0.05 -7.73
CB KCX A 137 0.97 -0.69 -6.79
CG KCX A 137 2.16 0.13 -6.29
CD KCX A 137 1.66 1.28 -5.40
CE KCX A 137 2.82 2.13 -4.86
NZ KCX A 137 3.64 1.33 -3.93
C KCX A 137 0.80 0.85 -8.78
O KCX A 137 1.40 0.27 -9.68
CX KCX A 137 4.30 1.60 -2.85
OQ1 KCX A 137 4.76 2.90 -2.87
OQ2 KCX A 137 5.14 0.79 -2.11
N VAL A 138 0.80 2.18 -8.64
CA VAL A 138 1.59 3.07 -9.53
C VAL A 138 2.37 4.07 -8.68
N ALA A 139 3.26 4.83 -9.32
CA ALA A 139 4.15 5.72 -8.58
C ALA A 139 4.64 6.88 -9.43
N THR A 140 4.69 8.06 -8.79
CA THR A 140 5.48 9.21 -9.24
C THR A 140 6.35 9.68 -8.07
N THR A 141 7.44 10.38 -8.36
CA THR A 141 8.25 11.04 -7.33
C THR A 141 8.53 12.47 -7.82
N GLY A 142 7.51 13.32 -7.69
CA GLY A 142 7.50 14.64 -8.32
C GLY A 142 6.66 14.55 -9.59
N LYS A 143 6.88 15.49 -10.51
CA LYS A 143 6.21 15.45 -11.80
C LYS A 143 6.46 14.11 -12.50
N ALA A 144 5.42 13.54 -13.08
CA ALA A 144 5.50 12.21 -13.72
C ALA A 144 6.49 12.24 -14.87
N THR A 145 7.35 11.22 -14.94
CA THR A 145 8.20 11.03 -16.10
C THR A 145 7.29 10.66 -17.27
N PRO A 146 7.78 10.79 -18.53
CA PRO A 146 6.96 10.33 -19.66
C PRO A 146 6.47 8.89 -19.50
N PHE A 147 7.34 8.00 -19.02
CA PHE A 147 6.95 6.62 -18.83
C PHE A 147 5.86 6.48 -17.76
N GLN A 148 6.04 7.17 -16.64
CA GLN A 148 5.04 7.15 -15.58
C GLN A 148 3.66 7.61 -16.05
N GLU A 149 3.61 8.60 -16.95
CA GLU A 149 2.33 8.98 -17.59
C GLU A 149 1.63 7.80 -18.25
N LEU A 150 2.38 6.99 -19.02
CA LEU A 150 1.81 5.78 -19.62
C LEU A 150 1.36 4.77 -18.57
N VAL A 151 2.15 4.61 -17.51
CA VAL A 151 1.81 3.66 -16.46
C VAL A 151 0.46 4.06 -15.82
N LEU A 152 0.31 5.34 -15.48
CA LEU A 152 -0.94 5.79 -14.87
C LEU A 152 -2.14 5.61 -15.81
N LYS A 153 -1.95 5.86 -17.10
CA LYS A 153 -3.02 5.66 -18.09
C LYS A 153 -3.37 4.18 -18.22
N ALA A 154 -2.34 3.33 -18.30
CA ALA A 154 -2.55 1.88 -18.34
C ALA A 154 -3.26 1.37 -17.07
N ALA A 155 -2.86 1.88 -15.90
CA ALA A 155 -3.56 1.55 -14.64
C ALA A 155 -5.04 1.89 -14.74
N ALA A 156 -5.35 3.09 -15.25
CA ALA A 156 -6.73 3.53 -15.41
C ALA A 156 -7.50 2.61 -16.34
N ARG A 157 -6.88 2.22 -17.46
CA ARG A 157 -7.55 1.33 -18.40
C ARG A 157 -7.79 -0.06 -17.83
N ALA A 158 -6.78 -0.61 -17.16
CA ALA A 158 -6.94 -1.91 -16.50
C ALA A 158 -8.04 -1.90 -15.44
N SER A 159 -8.08 -0.82 -14.65
CA SER A 159 -9.13 -0.63 -13.64
C SER A 159 -10.51 -0.57 -14.27
N LEU A 160 -10.66 0.22 -15.32
CA LEU A 160 -11.95 0.32 -16.00
C LEU A 160 -12.43 -1.03 -16.54
N ALA A 161 -11.49 -1.84 -17.04
CA ALA A 161 -11.81 -3.16 -17.57
C ALA A 161 -12.15 -4.23 -16.52
N THR A 162 -11.64 -4.06 -15.30
CA THR A 162 -11.71 -5.12 -14.28
C THR A 162 -12.45 -4.71 -13.00
N GLY A 163 -12.55 -3.40 -12.77
CA GLY A 163 -13.15 -2.86 -11.53
C GLY A 163 -12.21 -2.83 -10.33
N VAL A 164 -10.99 -3.37 -10.49
CA VAL A 164 -9.95 -3.39 -9.47
C VAL A 164 -9.45 -1.94 -9.22
N PRO A 165 -9.25 -1.55 -7.96
CA PRO A 165 -8.87 -0.17 -7.67
C PRO A 165 -7.39 0.12 -7.97
N VAL A 166 -7.04 1.41 -7.98
CA VAL A 166 -5.65 1.85 -8.22
C VAL A 166 -5.14 2.54 -6.95
N THR A 167 -3.88 2.30 -6.59
CA THR A 167 -3.28 2.96 -5.44
C THR A 167 -1.91 3.53 -5.82
N THR A 168 -1.53 4.65 -5.21
CA THR A 168 -0.34 5.37 -5.66
C THR A 168 0.69 5.64 -4.57
N HIS A 169 1.95 5.68 -5.00
CA HIS A 169 3.05 6.29 -4.28
C HIS A 169 3.09 7.73 -4.76
N THR A 170 3.24 8.66 -3.82
CA THR A 170 3.49 10.06 -4.17
C THR A 170 4.71 10.57 -3.46
N SER A 171 5.29 11.62 -4.01
CA SER A 171 6.06 12.56 -3.21
C SER A 171 5.05 13.58 -2.68
N ALA A 172 4.56 13.34 -1.46
CA ALA A 172 3.44 14.14 -0.92
C ALA A 172 3.77 15.64 -0.81
N SER A 173 5.00 15.94 -0.41
CA SER A 173 5.43 17.34 -0.27
C SER A 173 5.40 18.07 -1.62
N GLN A 174 5.48 17.33 -2.72
CA GLN A 174 5.42 17.93 -4.05
C GLN A 174 4.01 17.87 -4.64
N ARG A 175 3.06 17.41 -3.85
CA ARG A 175 1.65 17.37 -4.23
C ARG A 175 1.33 16.59 -5.52
N ASP A 176 2.02 15.46 -5.73
CA ASP A 176 1.86 14.61 -6.93
C ASP A 176 0.41 14.21 -7.21
N GLY A 177 -0.37 14.01 -6.14
CA GLY A 177 -1.76 13.57 -6.27
C GLY A 177 -2.58 14.39 -7.26
N GLU A 178 -2.28 15.69 -7.36
CA GLU A 178 -3.05 16.54 -8.30
C GLU A 178 -2.82 16.13 -9.75
N GLN A 179 -1.57 15.97 -10.16
CA GLN A 179 -1.32 15.49 -11.52
C GLN A 179 -1.82 14.06 -11.72
N GLN A 180 -1.56 13.18 -10.74
CA GLN A 180 -2.05 11.81 -10.83
C GLN A 180 -3.57 11.78 -11.09
N ALA A 181 -4.32 12.54 -10.27
CA ALA A 181 -5.75 12.77 -10.47
C ALA A 181 -6.08 13.25 -11.89
N ALA A 182 -5.36 14.26 -12.37
CA ALA A 182 -5.59 14.79 -13.71
C ALA A 182 -5.46 13.69 -14.80
N ILE A 183 -4.39 12.90 -14.71
CA ILE A 183 -4.16 11.81 -15.66
C ILE A 183 -5.25 10.75 -15.58
N PHE A 184 -5.55 10.27 -14.36
CA PHE A 184 -6.63 9.30 -14.17
C PHE A 184 -7.97 9.78 -14.76
N GLU A 185 -8.32 11.03 -14.51
CA GLU A 185 -9.59 11.57 -14.97
C GLU A 185 -9.64 11.73 -16.49
N SER A 186 -8.50 12.07 -17.09
CA SER A 186 -8.37 12.14 -18.55
C SER A 186 -8.69 10.79 -19.21
N GLU A 187 -8.53 9.70 -18.44
CA GLU A 187 -8.87 8.37 -18.93
C GLU A 187 -10.29 7.93 -18.54
N GLY A 188 -11.03 8.80 -17.85
CA GLY A 188 -12.39 8.51 -17.38
C GLY A 188 -12.50 7.61 -16.16
N LEU A 189 -11.43 7.48 -15.40
CA LEU A 189 -11.46 6.68 -14.18
C LEU A 189 -12.19 7.42 -13.05
N SER A 190 -13.07 6.71 -12.33
CA SER A 190 -13.75 7.31 -11.17
C SER A 190 -12.78 7.49 -10.00
N PRO A 191 -12.72 8.72 -9.43
CA PRO A 191 -11.88 8.98 -8.24
C PRO A 191 -12.07 7.99 -7.09
N SER A 192 -13.28 7.43 -6.93
CA SER A 192 -13.54 6.43 -5.87
C SER A 192 -12.82 5.09 -6.09
N ARG A 193 -12.23 4.92 -7.27
CA ARG A 193 -11.41 3.74 -7.59
C ARG A 193 -9.93 3.98 -7.27
N VAL A 194 -9.59 5.17 -6.75
CA VAL A 194 -8.21 5.59 -6.61
C VAL A 194 -7.85 6.03 -5.18
N CYS A 195 -6.72 5.52 -4.66
CA CYS A 195 -6.13 5.99 -3.41
C CYS A 195 -4.81 6.70 -3.69
N ILE A 196 -4.73 7.97 -3.31
CA ILE A 196 -3.52 8.76 -3.42
C ILE A 196 -2.71 8.54 -2.16
N GLY A 197 -1.62 7.79 -2.29
CA GLY A 197 -0.90 7.27 -1.13
C GLY A 197 0.20 8.18 -0.61
N HIS A 198 0.77 7.78 0.53
CA HIS A 198 1.78 8.58 1.27
C HIS A 198 1.29 9.98 1.58
N SER A 199 -0.02 10.13 1.70
CA SER A 199 -0.60 11.45 1.92
C SER A 199 -0.37 11.96 3.34
N ASP A 200 -0.02 11.05 4.24
CA ASP A 200 0.38 11.47 5.61
C ASP A 200 1.84 11.95 5.69
N ASP A 201 2.56 11.92 4.56
CA ASP A 201 3.91 12.49 4.48
C ASP A 201 3.87 14.03 4.40
N THR A 202 2.66 14.60 4.32
CA THR A 202 2.48 16.05 4.33
C THR A 202 1.41 16.47 5.34
N ASP A 203 1.53 17.70 5.86
CA ASP A 203 0.45 18.28 6.67
C ASP A 203 -0.41 19.26 5.86
N ASP A 204 -0.22 19.28 4.54
CA ASP A 204 -0.98 20.19 3.70
C ASP A 204 -2.43 19.73 3.51
N LEU A 205 -3.33 20.20 4.40
CA LEU A 205 -4.73 19.82 4.32
C LEU A 205 -5.48 20.48 3.15
N SER A 206 -4.92 21.56 2.58
CA SER A 206 -5.58 22.14 1.40
C SER A 206 -5.47 21.13 0.26
N TYR A 207 -4.27 20.59 0.11
CA TYR A 207 -3.97 19.56 -0.86
C TYR A 207 -4.85 18.32 -0.63
N LEU A 208 -4.89 17.86 0.63
CA LEU A 208 -5.58 16.60 0.95
C LEU A 208 -7.10 16.73 0.89
N THR A 209 -7.64 17.83 1.42
CA THR A 209 -9.10 18.00 1.35
C THR A 209 -9.56 18.24 -0.10
N GLY A 210 -8.72 18.90 -0.90
CA GLY A 210 -8.97 19.07 -2.34
C GLY A 210 -9.20 17.74 -3.04
N LEU A 211 -8.29 16.79 -2.80
CA LEU A 211 -8.45 15.42 -3.31
C LEU A 211 -9.68 14.72 -2.76
N ALA A 212 -9.89 14.78 -1.44
CA ALA A 212 -11.03 14.11 -0.80
C ALA A 212 -12.39 14.64 -1.31
N ALA A 213 -12.47 15.96 -1.47
CA ALA A 213 -13.67 16.62 -2.02
C ALA A 213 -14.04 16.07 -3.41
N ARG A 214 -13.03 15.71 -4.20
CA ARG A 214 -13.23 15.14 -5.54
C ARG A 214 -13.60 13.65 -5.53
N GLY A 215 -13.58 13.03 -4.36
CA GLY A 215 -13.94 11.61 -4.22
C GLY A 215 -12.78 10.63 -4.12
N TYR A 216 -11.55 11.13 -4.19
CA TYR A 216 -10.38 10.25 -4.01
C TYR A 216 -10.30 9.70 -2.59
N LEU A 217 -9.75 8.48 -2.48
CA LEU A 217 -9.33 7.96 -1.19
C LEU A 217 -7.96 8.55 -0.88
N VAL A 218 -7.77 8.91 0.38
CA VAL A 218 -6.54 9.55 0.82
C VAL A 218 -5.80 8.54 1.70
N GLY A 219 -4.66 8.07 1.21
CA GLY A 219 -3.86 7.06 1.91
C GLY A 219 -2.91 7.62 2.96
N LEU A 220 -3.30 7.46 4.23
CA LEU A 220 -2.48 7.88 5.34
C LEU A 220 -1.80 6.60 5.82
N ASP A 221 -0.72 6.28 5.14
CA ASP A 221 -0.24 4.89 5.09
C ASP A 221 1.19 4.69 5.60
N ARG A 222 1.77 5.71 6.22
CA ARG A 222 3.11 5.56 6.77
C ARG A 222 3.12 5.88 8.27
N MET A 223 2.09 5.42 8.98
CA MET A 223 1.89 5.81 10.38
C MET A 223 3.12 5.73 11.30
N PRO A 224 3.87 4.61 11.29
CA PRO A 224 4.99 4.54 12.25
C PRO A 224 6.31 5.22 11.82
N TYR A 225 6.33 5.88 10.66
CA TYR A 225 7.55 6.43 10.08
C TYR A 225 8.00 7.71 10.78
N SER A 226 9.06 7.62 11.58
CA SER A 226 9.68 8.82 12.17
C SER A 226 11.16 8.60 12.51
N ALA A 227 12.01 9.53 12.09
CA ALA A 227 13.44 9.50 12.46
C ALA A 227 13.75 10.45 13.64
N ILE A 228 12.71 10.85 14.37
CA ILE A 228 12.92 11.58 15.61
C ILE A 228 13.80 10.73 16.53
N GLY A 229 14.93 11.29 16.94
CA GLY A 229 15.89 10.58 17.78
C GLY A 229 17.01 9.92 16.99
N LEU A 230 16.89 9.95 15.66
CA LEU A 230 17.85 9.32 14.76
C LEU A 230 18.42 10.31 13.74
N GLU A 231 18.38 11.59 14.08
CA GLU A 231 18.76 12.65 13.14
C GLU A 231 20.22 12.53 12.70
N GLY A 232 21.03 11.81 13.46
CA GLY A 232 22.41 11.51 13.06
C GLY A 232 22.53 10.56 11.87
N ASN A 233 21.46 9.80 11.61
CA ASN A 233 21.42 8.81 10.53
C ASN A 233 20.73 9.38 9.29
N ALA A 234 21.53 9.76 8.28
CA ALA A 234 21.06 10.49 7.10
C ALA A 234 20.05 9.72 6.23
N SER A 235 20.28 8.42 6.04
CA SER A 235 19.37 7.61 5.24
C SER A 235 18.02 7.42 5.95
N ALA A 236 18.06 7.30 7.27
CA ALA A 236 16.81 7.21 8.05
C ALA A 236 16.02 8.53 8.01
N LEU A 237 16.73 9.66 8.11
CA LEU A 237 16.08 10.97 7.98
C LEU A 237 15.35 11.11 6.66
N ALA A 238 16.03 10.72 5.58
CA ALA A 238 15.49 10.88 4.22
C ALA A 238 14.22 10.04 4.00
N LEU A 239 14.19 8.85 4.59
CA LEU A 239 13.08 7.94 4.36
C LEU A 239 11.93 8.16 5.34
N PHE A 240 12.27 8.35 6.61
CA PHE A 240 11.27 8.43 7.68
C PHE A 240 10.74 9.81 8.01
N GLY A 241 11.53 10.85 7.72
CA GLY A 241 11.14 12.24 8.03
C GLY A 241 11.25 12.58 9.52
N THR A 242 10.85 13.81 9.87
CA THR A 242 11.04 14.30 11.23
C THR A 242 9.72 14.56 11.97
N ARG A 243 8.63 14.03 11.44
CA ARG A 243 7.32 14.18 12.05
C ARG A 243 6.99 12.95 12.85
N SER A 244 6.34 13.14 13.99
CA SER A 244 6.02 12.02 14.87
C SER A 244 4.82 11.20 14.34
N TRP A 245 4.68 9.97 14.85
CA TRP A 245 3.51 9.16 14.48
C TRP A 245 2.23 9.86 14.93
N GLN A 246 2.27 10.53 16.08
CA GLN A 246 1.13 11.30 16.56
C GLN A 246 0.74 12.38 15.56
N THR A 247 1.72 13.09 15.02
CA THR A 247 1.49 14.09 13.97
C THR A 247 0.80 13.48 12.74
N ARG A 248 1.30 12.32 12.30
CA ARG A 248 0.63 11.61 11.19
C ARG A 248 -0.83 11.21 11.53
N ALA A 249 -1.02 10.63 12.71
CA ALA A 249 -2.33 10.16 13.17
C ALA A 249 -3.33 11.30 13.29
N LEU A 250 -2.86 12.48 13.68
CA LEU A 250 -3.74 13.65 13.75
C LEU A 250 -4.42 13.96 12.41
N LEU A 251 -3.77 13.62 11.30
CA LEU A 251 -4.39 13.81 9.97
C LEU A 251 -5.64 12.98 9.75
N ILE A 252 -5.66 11.77 10.33
CA ILE A 252 -6.87 10.94 10.30
C ILE A 252 -8.01 11.71 10.96
N LYS A 253 -7.76 12.19 12.17
CA LYS A 253 -8.79 12.95 12.89
C LYS A 253 -9.16 14.21 12.11
N ALA A 254 -8.17 14.90 11.54
CA ALA A 254 -8.43 16.17 10.83
C ALA A 254 -9.37 15.98 9.63
N LEU A 255 -9.15 14.90 8.89
CA LEU A 255 -10.02 14.58 7.76
C LEU A 255 -11.42 14.17 8.22
N ILE A 256 -11.50 13.40 9.31
CA ILE A 256 -12.77 13.03 9.90
C ILE A 256 -13.55 14.31 10.33
N ASP A 257 -12.84 15.20 11.02
CA ASP A 257 -13.44 16.46 11.49
C ASP A 257 -13.92 17.37 10.36
N ARG A 258 -13.45 17.14 9.15
CA ARG A 258 -13.84 17.95 8.01
C ARG A 258 -14.82 17.22 7.08
N GLY A 259 -15.37 16.11 7.58
CA GLY A 259 -16.45 15.39 6.90
C GLY A 259 -16.00 14.29 5.96
N TYR A 260 -14.71 13.98 5.99
CA TYR A 260 -14.12 13.04 5.04
C TYR A 260 -13.84 11.63 5.57
N LYS A 261 -14.57 11.21 6.61
CA LYS A 261 -14.33 9.90 7.21
C LYS A 261 -14.36 8.72 6.19
N ASP A 262 -15.23 8.84 5.17
CA ASP A 262 -15.38 7.78 4.18
C ASP A 262 -14.28 7.81 3.10
N ARG A 263 -13.39 8.79 3.16
CA ARG A 263 -12.34 8.98 2.13
C ARG A 263 -10.94 8.63 2.64
N ILE A 264 -10.86 7.99 3.81
CA ILE A 264 -9.60 7.74 4.47
C ILE A 264 -9.23 6.26 4.45
N LEU A 265 -7.97 5.98 4.10
CA LEU A 265 -7.41 4.65 4.33
C LEU A 265 -6.13 4.75 5.15
N VAL A 266 -5.96 3.85 6.11
CA VAL A 266 -4.86 3.89 7.06
C VAL A 266 -3.99 2.65 6.93
N SER A 267 -2.67 2.86 6.92
CA SER A 267 -1.71 1.73 6.89
C SER A 267 -0.33 2.11 7.46
N HIS A 268 0.66 1.21 7.34
CA HIS A 268 2.02 1.43 7.86
C HIS A 268 3.11 1.56 6.81
N ASP A 269 2.88 0.98 5.62
CA ASP A 269 3.95 0.83 4.63
C ASP A 269 5.10 0.02 5.26
N TRP A 270 4.73 -0.97 6.08
CA TRP A 270 5.72 -1.79 6.76
C TRP A 270 6.24 -2.89 5.83
N LEU A 271 7.32 -3.53 6.25
CA LEU A 271 7.86 -4.72 5.58
C LEU A 271 8.70 -5.58 6.52
N PHE A 272 9.00 -6.80 6.08
CA PHE A 272 9.79 -7.74 6.89
C PHE A 272 11.18 -7.96 6.30
N GLY A 273 11.36 -7.52 5.05
CA GLY A 273 12.69 -7.47 4.41
C GLY A 273 12.74 -6.28 3.47
N PHE A 274 13.94 -5.75 3.24
CA PHE A 274 14.04 -4.45 2.56
C PHE A 274 15.41 -4.34 1.93
N SER A 275 15.49 -4.73 0.65
CA SER A 275 16.78 -4.76 -0.06
C SER A 275 16.98 -3.56 -0.98
N SER A 276 15.90 -2.85 -1.29
CA SER A 276 15.96 -1.66 -2.19
C SER A 276 16.40 -0.36 -1.50
N TYR A 277 16.92 -0.46 -0.28
CA TYR A 277 17.47 0.70 0.41
C TYR A 277 18.83 0.35 1.04
N VAL A 278 19.31 1.14 2.00
CA VAL A 278 20.62 0.87 2.62
C VAL A 278 20.62 -0.45 3.40
N THR A 279 21.79 -1.07 3.50
CA THR A 279 21.96 -2.33 4.21
C THR A 279 21.61 -2.12 5.69
N ASN A 280 20.99 -3.11 6.32
CA ASN A 280 20.55 -3.02 7.75
C ASN A 280 19.45 -1.97 8.04
N ILE A 281 18.81 -1.42 7.02
CA ILE A 281 17.67 -0.51 7.25
C ILE A 281 16.56 -1.20 8.06
N MET A 282 16.40 -2.51 7.85
CA MET A 282 15.37 -3.30 8.56
C MET A 282 15.60 -3.33 10.07
N ASP A 283 16.86 -3.36 10.49
CA ASP A 283 17.21 -3.30 11.92
C ASP A 283 16.84 -1.93 12.52
N VAL A 284 17.11 -0.87 11.77
CA VAL A 284 16.73 0.47 12.18
C VAL A 284 15.21 0.52 12.35
N MET A 285 14.48 0.09 11.33
CA MET A 285 13.01 0.09 11.34
C MET A 285 12.40 -0.72 12.48
N ASP A 286 12.95 -1.90 12.73
CA ASP A 286 12.45 -2.78 13.79
C ASP A 286 12.65 -2.15 15.18
N ARG A 287 13.67 -1.30 15.32
CA ARG A 287 13.89 -0.53 16.55
C ARG A 287 12.89 0.62 16.71
N ILE A 288 12.63 1.33 15.61
CA ILE A 288 11.65 2.43 15.60
C ILE A 288 10.25 1.88 15.92
N ASN A 289 9.93 0.70 15.37
CA ASN A 289 8.59 0.15 15.53
C ASN A 289 8.58 -1.38 15.70
N PRO A 290 8.89 -1.87 16.92
CA PRO A 290 8.90 -3.31 17.17
C PRO A 290 7.56 -3.96 16.90
N ASP A 291 6.46 -3.22 17.02
CA ASP A 291 5.12 -3.75 16.75
C ASP A 291 4.80 -4.03 15.28
N GLY A 292 5.65 -3.57 14.36
CA GLY A 292 5.41 -3.82 12.92
C GLY A 292 4.00 -3.43 12.50
N MET A 293 3.26 -4.39 11.94
CA MET A 293 1.94 -4.10 11.36
C MET A 293 0.80 -4.16 12.40
N ALA A 294 1.17 -4.38 13.66
CA ALA A 294 0.23 -4.22 14.80
C ALA A 294 0.21 -2.79 15.35
N PHE A 295 1.08 -1.93 14.83
CA PHE A 295 1.19 -0.56 15.37
C PHE A 295 -0.12 0.24 15.22
N VAL A 296 -0.76 0.16 14.05
CA VAL A 296 -2.02 0.88 13.85
C VAL A 296 -3.09 0.50 14.90
N PRO A 297 -3.46 -0.80 14.97
CA PRO A 297 -4.46 -1.16 15.99
C PRO A 297 -4.02 -0.93 17.45
N LEU A 298 -2.73 -1.08 17.76
CA LEU A 298 -2.27 -0.96 19.16
C LEU A 298 -2.05 0.48 19.62
N ARG A 299 -1.66 1.35 18.71
CA ARG A 299 -1.26 2.72 19.07
C ARG A 299 -2.17 3.78 18.45
N VAL A 300 -2.35 3.69 17.13
CA VAL A 300 -3.09 4.72 16.40
C VAL A 300 -4.58 4.73 16.74
N ILE A 301 -5.20 3.56 16.71
CA ILE A 301 -6.65 3.50 16.95
C ILE A 301 -7.00 3.99 18.37
N PRO A 302 -6.30 3.50 19.40
CA PRO A 302 -6.58 4.05 20.76
C PRO A 302 -6.29 5.53 20.94
N PHE A 303 -5.27 6.04 20.25
CA PHE A 303 -4.93 7.46 20.25
C PHE A 303 -6.14 8.27 19.73
N LEU A 304 -6.71 7.80 18.61
CA LEU A 304 -7.89 8.41 18.01
C LEU A 304 -9.12 8.30 18.90
N ARG A 305 -9.32 7.13 19.49
CA ARG A 305 -10.41 6.91 20.43
C ARG A 305 -10.31 7.92 21.59
N GLU A 306 -9.10 8.09 22.12
CA GLU A 306 -8.89 9.01 23.25
C GLU A 306 -9.03 10.49 22.87
N LYS A 307 -8.85 10.78 21.58
CA LYS A 307 -9.15 12.11 21.04
C LYS A 307 -10.65 12.30 20.74
N GLY A 308 -11.46 11.27 20.98
CA GLY A 308 -12.90 11.39 20.86
C GLY A 308 -13.53 10.86 19.57
N VAL A 309 -12.73 10.25 18.69
CA VAL A 309 -13.31 9.59 17.50
C VAL A 309 -14.17 8.38 17.92
N PRO A 310 -15.47 8.38 17.54
CA PRO A 310 -16.41 7.30 17.91
C PRO A 310 -15.95 5.95 17.33
N PRO A 311 -16.24 4.84 18.04
CA PRO A 311 -15.86 3.50 17.59
C PRO A 311 -16.41 3.17 16.20
N GLU A 312 -17.65 3.59 15.94
CA GLU A 312 -18.31 3.35 14.67
C GLU A 312 -17.52 4.02 13.53
N THR A 313 -16.96 5.18 13.83
CA THR A 313 -16.21 5.91 12.81
C THR A 313 -14.88 5.19 12.54
N LEU A 314 -14.26 4.69 13.60
CA LEU A 314 -13.00 3.97 13.47
C LEU A 314 -13.19 2.65 12.72
N ALA A 315 -14.30 1.97 12.98
CA ALA A 315 -14.64 0.76 12.26
C ALA A 315 -14.92 1.06 10.79
N GLY A 316 -15.57 2.19 10.50
CA GLY A 316 -15.85 2.61 9.13
C GLY A 316 -14.53 2.85 8.37
N VAL A 317 -13.55 3.45 9.04
CA VAL A 317 -12.27 3.74 8.38
C VAL A 317 -11.44 2.46 8.09
N THR A 318 -11.41 1.54 9.06
CA THR A 318 -10.52 0.36 9.00
C THR A 318 -11.17 -0.88 8.38
N VAL A 319 -12.50 -0.87 8.28
CA VAL A 319 -13.25 -1.99 7.71
C VAL A 319 -14.07 -1.60 6.47
N ALA A 320 -14.99 -0.64 6.64
CA ALA A 320 -15.90 -0.30 5.55
C ALA A 320 -15.18 0.33 4.38
N ASN A 321 -14.27 1.27 4.65
CA ASN A 321 -13.54 1.94 3.56
C ASN A 321 -12.72 0.97 2.69
N PRO A 322 -11.85 0.14 3.31
CA PRO A 322 -11.13 -0.88 2.53
C PRO A 322 -12.06 -1.82 1.74
N ALA A 323 -13.17 -2.25 2.36
CA ALA A 323 -14.15 -3.12 1.68
C ALA A 323 -14.68 -2.49 0.40
N ARG A 324 -15.14 -1.24 0.52
CA ARG A 324 -15.67 -0.49 -0.60
C ARG A 324 -14.60 -0.28 -1.67
N PHE A 325 -13.37 0.00 -1.23
CA PHE A 325 -12.23 0.27 -2.13
C PHE A 325 -11.85 -0.98 -2.94
N LEU A 326 -11.71 -2.10 -2.23
CA LEU A 326 -11.23 -3.35 -2.84
C LEU A 326 -12.28 -4.07 -3.68
N SER A 327 -13.57 -3.91 -3.33
CA SER A 327 -14.67 -4.53 -4.10
C SER A 327 -14.57 -4.11 -5.56
N PRO A 328 -14.42 -5.08 -6.49
CA PRO A 328 -14.37 -4.70 -7.90
C PRO A 328 -15.66 -3.97 -8.29
N THR A 329 -15.47 -2.79 -8.87
CA THR A 329 -16.53 -1.81 -9.05
C THR A 329 -16.42 -1.18 -10.43
CO CO B . 5.18 1.01 -0.04
CO CO C . 5.85 4.13 -1.62
O4 DZZ D . 7.20 0.74 -0.20
P1 DZZ D . 8.51 1.94 -0.32
S1 DZZ D . 8.17 3.48 -1.67
O2 DZZ D . 8.76 2.62 1.12
C1 DZZ D . 9.41 1.97 2.21
O1 DZZ D . 9.90 1.18 -0.65
C2 DZZ D . 9.86 -0.21 -0.99
#